data_9H7M
#
_entry.id   9H7M
#
_cell.length_a   85.030
_cell.length_b   42.130
_cell.length_c   63.730
_cell.angle_alpha   90.00
_cell.angle_beta   90.00
_cell.angle_gamma   90.00
#
_symmetry.space_group_name_H-M   'P 21 21 2'
#
loop_
_entity.id
_entity.type
_entity.pdbx_description
1 polymer Transthyretin
2 non-polymer 'CALCIUM ION'
3 non-polymer 4-quinolin-8-yl-1H-pyrazolo[3,4-d]pyrimidin-6-amine
4 water water
#
_entity_poly.entity_id   1
_entity_poly.type   'polypeptide(L)'
_entity_poly.pdbx_seq_one_letter_code
;GPTGTGESKCPLMVKVLDAVRGSPAINVAVHVFRKAADDTWEPFASGKTSESGELHGLTTEEEFVEGIYKVEIDTKSYWK
ALGISPFHEHAEVVFTANDSGPRRYTIAALLSPYSYSTTAVVTNPKE
;
_entity_poly.pdbx_strand_id   A,B
#
loop_
_chem_comp.id
_chem_comp.type
_chem_comp.name
_chem_comp.formula
A1ISV non-polymer 4-quinolin-8-yl-1H-pyrazolo[3,4-d]pyrimidin-6-amine 'C14 H10 N6'
CA non-polymer 'CALCIUM ION' 'Ca 2'
#
# COMPACT_ATOMS: atom_id res chain seq x y z
N LYS A 9 22.14 -0.31 9.91
CA LYS A 9 21.53 -1.55 9.33
C LYS A 9 20.59 -1.36 8.16
N CYS A 10 20.74 -2.14 7.09
CA CYS A 10 21.53 -3.38 6.91
C CYS A 10 20.63 -4.23 6.01
N PRO A 11 19.95 -5.28 6.56
CA PRO A 11 19.15 -6.03 5.64
C PRO A 11 17.83 -5.46 5.22
N LEU A 12 17.30 -4.51 6.02
CA LEU A 12 16.01 -3.90 5.72
C LEU A 12 16.17 -2.41 6.07
N MET A 13 15.99 -1.56 5.05
CA MET A 13 16.01 -0.08 5.16
CA MET A 13 16.01 -0.08 5.16
CA MET A 13 16.02 -0.06 5.15
CA MET A 13 16.02 -0.06 5.14
C MET A 13 14.76 0.53 4.52
N VAL A 14 14.26 1.61 5.12
CA VAL A 14 13.08 2.28 4.60
C VAL A 14 13.48 3.75 4.32
N LYS A 15 13.08 4.27 3.18
CA LYS A 15 13.37 5.65 2.81
C LYS A 15 12.03 6.28 2.41
N VAL A 16 11.74 7.51 2.90
CA VAL A 16 10.47 8.20 2.66
C VAL A 16 10.72 9.63 2.22
N LEU A 17 10.07 10.00 1.12
CA LEU A 17 10.14 11.34 0.53
C LEU A 17 8.73 11.96 0.48
N ASP A 18 8.74 13.31 0.55
CA ASP A 18 7.51 14.14 0.48
C ASP A 18 7.45 14.86 -0.85
N ALA A 19 6.44 14.55 -1.63
CA ALA A 19 6.26 15.06 -2.97
C ALA A 19 5.59 16.45 -3.03
N VAL A 20 5.14 16.96 -1.88
CA VAL A 20 4.55 18.32 -1.81
C VAL A 20 5.65 19.34 -1.54
N ARG A 21 6.51 19.05 -0.62
CA ARG A 21 7.55 19.92 -0.21
C ARG A 21 8.87 19.70 -0.87
N GLY A 22 9.03 18.55 -1.53
CA GLY A 22 10.37 18.26 -2.16
C GLY A 22 11.43 18.03 -1.12
N SER A 23 11.14 17.16 -0.17
CA SER A 23 11.99 16.99 0.98
C SER A 23 11.94 15.50 1.41
N PRO A 24 12.95 15.14 2.21
CA PRO A 24 12.80 13.92 2.99
C PRO A 24 11.60 14.01 3.90
N ALA A 25 10.93 12.91 4.20
CA ALA A 25 9.83 12.86 5.12
C ALA A 25 10.39 12.46 6.45
N ILE A 26 10.50 13.37 7.38
CA ILE A 26 11.25 13.21 8.60
C ILE A 26 10.35 12.80 9.73
N ASN A 27 10.81 11.98 10.65
CA ASN A 27 10.05 11.55 11.81
C ASN A 27 8.78 10.80 11.47
N VAL A 28 8.83 9.98 10.42
CA VAL A 28 7.71 9.15 10.05
C VAL A 28 7.83 7.81 10.78
N ALA A 29 6.83 7.38 11.46
CA ALA A 29 6.81 6.08 12.13
C ALA A 29 6.61 4.97 11.07
N VAL A 30 7.37 3.90 11.28
CA VAL A 30 7.35 2.70 10.43
C VAL A 30 7.28 1.49 11.35
N HIS A 31 6.30 0.64 11.09
CA HIS A 31 6.09 -0.58 11.83
C HIS A 31 6.18 -1.79 10.85
N VAL A 32 6.95 -2.80 11.27
CA VAL A 32 7.16 -4.02 10.45
C VAL A 32 6.57 -5.18 11.21
N PHE A 33 5.79 -6.01 10.48
CA PHE A 33 5.17 -7.19 11.01
C PHE A 33 5.64 -8.41 10.13
N ARG A 34 5.56 -9.58 10.72
CA ARG A 34 5.90 -10.85 10.04
C ARG A 34 4.75 -11.80 10.29
N LYS A 35 4.35 -12.48 9.22
CA LYS A 35 3.22 -13.42 9.32
C LYS A 35 3.62 -14.66 10.12
N ALA A 36 2.87 -14.99 11.13
CA ALA A 36 3.11 -16.11 11.99
C ALA A 36 2.49 -17.39 11.40
N ALA A 37 2.83 -18.53 12.00
CA ALA A 37 2.36 -19.79 11.49
C ALA A 37 0.85 -19.94 11.56
N ASP A 38 0.20 -19.22 12.49
CA ASP A 38 -1.25 -19.21 12.55
C ASP A 38 -1.88 -18.16 11.63
N ASP A 39 -1.09 -17.56 10.74
CA ASP A 39 -1.64 -16.61 9.76
C ASP A 39 -1.95 -15.23 10.37
N THR A 40 -1.54 -14.94 11.62
CA THR A 40 -1.66 -13.55 12.16
C THR A 40 -0.39 -12.74 11.93
N TRP A 41 -0.44 -11.45 12.08
CA TRP A 41 0.70 -10.61 12.00
C TRP A 41 1.38 -10.40 13.33
N GLU A 42 2.61 -10.81 13.43
CA GLU A 42 3.41 -10.67 14.66
C GLU A 42 4.32 -9.44 14.49
N PRO A 43 4.34 -8.63 15.54
CA PRO A 43 5.26 -7.48 15.52
C PRO A 43 6.70 -7.95 15.28
N PHE A 44 7.40 -7.25 14.44
CA PHE A 44 8.76 -7.65 14.09
C PHE A 44 9.78 -6.57 14.42
N ALA A 45 9.51 -5.33 14.03
CA ALA A 45 10.42 -4.24 14.32
C ALA A 45 9.69 -2.92 14.03
N SER A 46 10.19 -1.81 14.61
CA SER A 46 9.64 -0.48 14.28
C SER A 46 10.69 0.59 14.52
N GLY A 47 10.43 1.77 13.99
CA GLY A 47 11.35 2.89 14.16
C GLY A 47 10.79 4.13 13.48
N LYS A 48 11.60 5.17 13.41
CA LYS A 48 11.20 6.46 12.80
C LYS A 48 12.25 6.91 11.83
N THR A 49 11.83 7.55 10.75
CA THR A 49 12.79 8.12 9.82
C THR A 49 13.57 9.27 10.39
N SER A 50 14.79 9.39 10.01
CA SER A 50 15.68 10.44 10.43
C SER A 50 15.46 11.74 9.64
N GLU A 51 16.34 12.73 9.87
CA GLU A 51 16.33 13.98 9.11
C GLU A 51 16.58 13.81 7.61
N SER A 52 17.15 12.67 7.23
CA SER A 52 17.34 12.38 5.82
C SER A 52 16.21 11.55 5.27
N GLY A 53 15.17 11.28 6.03
CA GLY A 53 14.07 10.46 5.57
C GLY A 53 14.32 8.97 5.56
N GLU A 54 15.44 8.56 6.13
CA GLU A 54 15.85 7.12 6.12
C GLU A 54 15.74 6.51 7.47
N LEU A 55 15.46 5.21 7.48
CA LEU A 55 15.37 4.41 8.68
C LEU A 55 16.25 3.18 8.49
N HIS A 56 17.35 3.15 9.20
CA HIS A 56 18.31 2.09 9.26
C HIS A 56 18.17 1.42 10.68
N GLY A 57 18.72 0.28 10.87
CA GLY A 57 18.69 -0.35 12.13
C GLY A 57 17.42 -1.07 12.55
N LEU A 58 16.49 -1.27 11.65
CA LEU A 58 15.28 -2.00 11.98
C LEU A 58 15.59 -3.39 12.52
N THR A 59 16.48 -4.11 11.81
CA THR A 59 16.73 -5.54 12.14
C THR A 59 18.16 -5.88 11.88
N THR A 60 18.45 -7.19 12.01
CA THR A 60 19.78 -7.75 11.87
C THR A 60 19.68 -8.96 10.94
N GLU A 61 20.81 -9.38 10.44
CA GLU A 61 20.84 -10.59 9.62
C GLU A 61 20.31 -11.80 10.36
N GLU A 62 20.57 -11.89 11.64
CA GLU A 62 20.11 -13.01 12.44
C GLU A 62 18.60 -13.06 12.59
N GLU A 63 17.99 -11.90 12.85
CA GLU A 63 16.58 -11.84 13.12
C GLU A 63 15.71 -11.90 11.85
N PHE A 64 16.23 -11.40 10.74
CA PHE A 64 15.46 -11.24 9.52
C PHE A 64 15.47 -12.55 8.69
N VAL A 65 14.68 -13.45 9.12
CA VAL A 65 14.57 -14.81 8.48
C VAL A 65 13.62 -14.71 7.31
N GLU A 66 13.47 -15.84 6.56
CA GLU A 66 12.42 -15.94 5.57
C GLU A 66 11.08 -15.65 6.17
N GLY A 67 10.21 -15.12 5.38
CA GLY A 67 8.86 -14.94 5.80
C GLY A 67 8.11 -13.96 4.92
N ILE A 68 6.85 -13.73 5.26
CA ILE A 68 6.01 -12.70 4.63
C ILE A 68 5.98 -11.52 5.63
N TYR A 69 6.44 -10.40 5.14
CA TYR A 69 6.57 -9.17 5.95
C TYR A 69 5.64 -8.10 5.45
N LYS A 70 5.16 -7.29 6.40
CA LYS A 70 4.34 -6.10 6.13
C LYS A 70 5.06 -4.89 6.73
N VAL A 71 5.31 -3.92 5.91
CA VAL A 71 5.88 -2.64 6.33
C VAL A 71 4.79 -1.59 6.23
N GLU A 72 4.39 -1.08 7.42
CA GLU A 72 3.33 -0.04 7.50
C GLU A 72 3.97 1.31 7.82
N ILE A 73 3.86 2.23 6.93
CA ILE A 73 4.40 3.60 7.08
C ILE A 73 3.26 4.52 7.50
N ASP A 74 3.43 5.17 8.65
CA ASP A 74 2.34 5.96 9.22
C ASP A 74 2.25 7.31 8.54
N THR A 75 1.70 7.30 7.36
CA THR A 75 1.54 8.47 6.57
C THR A 75 0.47 9.40 7.17
N LYS A 76 -0.54 8.88 7.83
CA LYS A 76 -1.58 9.71 8.37
C LYS A 76 -1.02 10.65 9.46
N SER A 77 -0.23 10.16 10.39
CA SER A 77 0.31 11.02 11.44
C SER A 77 1.24 12.01 10.85
N TYR A 78 2.00 11.67 9.80
CA TYR A 78 2.87 12.59 9.12
C TYR A 78 2.10 13.82 8.58
N TRP A 79 1.08 13.58 7.80
CA TRP A 79 0.34 14.64 7.24
C TRP A 79 -0.34 15.45 8.34
N LYS A 80 -0.94 14.83 9.32
CA LYS A 80 -1.63 15.53 10.38
C LYS A 80 -0.73 16.44 11.15
N ALA A 81 0.53 16.07 11.35
CA ALA A 81 1.49 16.91 12.04
C ALA A 81 1.84 18.11 11.19
N LEU A 82 1.72 18.05 9.89
CA LEU A 82 1.96 19.17 9.02
C LEU A 82 0.69 20.02 8.84
N GLY A 83 -0.37 19.66 9.51
CA GLY A 83 -1.61 20.35 9.48
C GLY A 83 -2.51 20.00 8.32
N ILE A 84 -2.25 18.88 7.63
CA ILE A 84 -2.93 18.50 6.41
C ILE A 84 -3.82 17.27 6.72
N SER A 85 -5.04 17.24 6.20
CA SER A 85 -5.91 16.05 6.28
CA SER A 85 -5.91 16.03 6.28
C SER A 85 -5.71 15.08 5.08
N PRO A 86 -5.07 13.95 5.34
CA PRO A 86 -4.69 13.06 4.18
C PRO A 86 -5.76 12.04 4.00
N PHE A 87 -5.67 11.35 2.88
CA PHE A 87 -6.63 10.33 2.49
C PHE A 87 -6.36 8.98 3.14
N HIS A 88 -5.12 8.50 3.00
CA HIS A 88 -4.79 7.12 3.41
C HIS A 88 -4.45 7.03 4.87
N GLU A 89 -4.71 5.94 5.49
CA GLU A 89 -4.33 5.67 6.82
C GLU A 89 -2.85 5.38 6.95
N HIS A 90 -2.28 4.70 5.95
CA HIS A 90 -0.90 4.34 5.96
C HIS A 90 -0.52 3.95 4.56
N ALA A 91 0.77 3.77 4.34
CA ALA A 91 1.19 3.17 3.11
C ALA A 91 1.71 1.87 3.51
N GLU A 92 1.21 0.72 2.99
CA GLU A 92 1.84 -0.59 3.24
C GLU A 92 2.44 -1.23 2.03
N VAL A 93 3.39 -2.06 2.49
CA VAL A 93 4.07 -2.88 1.55
C VAL A 93 4.13 -4.30 2.12
N VAL A 94 3.64 -5.32 1.40
CA VAL A 94 3.65 -6.72 1.88
C VAL A 94 4.42 -7.57 0.82
N PHE A 95 5.38 -8.33 1.31
CA PHE A 95 6.28 -9.08 0.41
C PHE A 95 6.89 -10.28 1.12
N THR A 96 7.21 -11.29 0.33
CA THR A 96 7.98 -12.48 0.80
C THR A 96 9.46 -12.11 0.73
N ALA A 97 10.17 -12.29 1.83
CA ALA A 97 11.57 -11.94 1.93
C ALA A 97 12.45 -13.22 2.07
N ASN A 98 13.62 -13.13 1.50
CA ASN A 98 14.70 -14.11 1.73
C ASN A 98 14.42 -15.55 1.22
N ASP A 99 13.47 -15.66 0.30
CA ASP A 99 13.03 -16.98 -0.18
C ASP A 99 14.18 -17.78 -0.83
N SER A 100 15.07 -17.11 -1.53
CA SER A 100 16.22 -17.75 -2.16
C SER A 100 17.48 -17.29 -1.49
N GLY A 101 17.43 -17.17 -0.16
CA GLY A 101 18.56 -16.78 0.60
C GLY A 101 18.47 -15.29 0.94
N PRO A 102 19.39 -14.85 1.82
CA PRO A 102 19.36 -13.47 2.32
C PRO A 102 19.58 -12.50 1.19
N ARG A 103 18.81 -11.41 1.28
CA ARG A 103 18.93 -10.25 0.40
C ARG A 103 18.87 -9.02 1.25
N ARG A 104 19.34 -7.91 0.69
CA ARG A 104 19.14 -6.56 1.31
C ARG A 104 18.00 -5.94 0.57
N TYR A 105 17.07 -5.36 1.36
CA TYR A 105 15.86 -4.74 0.86
C TYR A 105 15.82 -3.27 1.24
N THR A 106 15.59 -2.41 0.29
CA THR A 106 15.24 -1.02 0.56
C THR A 106 13.85 -0.79 0.09
N ILE A 107 12.96 -0.35 0.98
CA ILE A 107 11.59 0.00 0.64
C ILE A 107 11.53 1.52 0.59
N ALA A 108 11.31 2.06 -0.58
CA ALA A 108 11.24 3.50 -0.75
C ALA A 108 9.82 3.88 -1.00
N ALA A 109 9.39 4.97 -0.40
CA ALA A 109 8.02 5.54 -0.50
C ALA A 109 8.01 7.02 -0.83
N LEU A 110 7.09 7.42 -1.67
CA LEU A 110 6.92 8.83 -2.07
C LEU A 110 5.52 9.21 -1.72
N LEU A 111 5.35 10.27 -0.89
CA LEU A 111 4.04 10.61 -0.28
C LEU A 111 3.44 11.90 -0.81
N SER A 112 2.13 11.88 -1.09
CA SER A 112 1.29 13.03 -1.30
C SER A 112 0.03 12.80 -0.49
N PRO A 113 -0.73 13.95 -0.29
CA PRO A 113 -1.89 13.83 0.60
C PRO A 113 -2.93 12.80 0.16
N TYR A 114 -3.09 12.62 -1.17
CA TYR A 114 -4.12 11.67 -1.72
CA TYR A 114 -4.09 11.70 -1.68
C TYR A 114 -3.53 10.50 -2.55
N SER A 115 -2.21 10.34 -2.41
CA SER A 115 -1.48 9.32 -3.22
C SER A 115 -0.22 8.94 -2.53
N TYR A 116 0.17 7.66 -2.76
CA TYR A 116 1.55 7.24 -2.61
CA TYR A 116 1.57 7.27 -2.46
C TYR A 116 2.05 6.20 -3.55
N SER A 117 3.36 6.21 -3.66
CA SER A 117 3.98 5.10 -4.41
CA SER A 117 4.09 5.20 -4.48
C SER A 117 5.11 4.50 -3.65
N THR A 118 5.36 3.22 -3.91
CA THR A 118 6.42 2.56 -3.25
CA THR A 118 6.45 2.51 -3.19
C THR A 118 7.24 1.68 -4.24
N THR A 119 8.53 1.59 -4.06
CA THR A 119 9.33 0.64 -4.84
C THR A 119 10.22 -0.09 -3.91
N ALA A 120 10.68 -1.27 -4.37
CA ALA A 120 11.64 -2.10 -3.66
C ALA A 120 12.91 -2.18 -4.44
N VAL A 121 14.03 -2.04 -3.77
CA VAL A 121 15.35 -2.30 -4.34
C VAL A 121 15.93 -3.45 -3.58
N VAL A 122 16.26 -4.54 -4.29
CA VAL A 122 16.69 -5.81 -3.67
C VAL A 122 18.07 -6.12 -4.24
N THR A 123 19.04 -6.23 -3.34
CA THR A 123 20.40 -6.51 -3.76
C THR A 123 20.92 -7.74 -3.00
N ASN A 124 21.89 -8.40 -3.59
CA ASN A 124 22.43 -9.72 -3.05
C ASN A 124 23.66 -9.36 -2.33
N PRO A 125 23.72 -9.62 -0.99
CA PRO A 125 24.81 -8.96 -0.30
C PRO A 125 26.20 -9.44 -0.72
N CYS B 10 -22.41 3.39 -7.71
CA CYS B 10 -21.29 4.18 -8.22
C CYS B 10 -20.42 4.88 -7.17
N PRO B 11 -20.64 4.61 -5.87
CA PRO B 11 -19.86 5.38 -4.92
C PRO B 11 -18.41 4.98 -4.83
N LEU B 12 -18.05 3.75 -5.22
CA LEU B 12 -16.68 3.25 -5.15
C LEU B 12 -16.34 2.52 -6.43
N MET B 13 -15.30 2.96 -7.11
CA MET B 13 -14.77 2.37 -8.34
CA MET B 13 -14.77 2.33 -8.34
CA MET B 13 -14.78 2.36 -8.33
C MET B 13 -13.25 2.14 -8.22
N VAL B 14 -12.72 1.07 -8.80
CA VAL B 14 -11.28 0.82 -8.81
C VAL B 14 -10.85 0.75 -10.25
N LYS B 15 -9.72 1.34 -10.56
CA LYS B 15 -9.15 1.38 -11.92
C LYS B 15 -7.68 1.05 -11.86
N VAL B 16 -7.24 0.06 -12.65
CA VAL B 16 -5.88 -0.45 -12.58
C VAL B 16 -5.21 -0.46 -13.93
N LEU B 17 -3.98 0.04 -13.97
CA LEU B 17 -3.14 0.12 -15.15
C LEU B 17 -1.83 -0.67 -14.92
N ASP B 18 -1.27 -1.18 -16.04
CA ASP B 18 -0.03 -1.96 -16.07
C ASP B 18 1.06 -1.16 -16.77
N ALA B 19 2.10 -0.83 -16.02
CA ALA B 19 3.18 0.03 -16.46
C ALA B 19 4.25 -0.68 -17.33
N VAL B 20 4.21 -2.03 -17.32
CA VAL B 20 5.13 -2.84 -18.11
C VAL B 20 4.65 -3.05 -19.50
N ARG B 21 3.37 -3.38 -19.63
CA ARG B 21 2.77 -3.64 -20.91
C ARG B 21 2.08 -2.49 -21.53
N GLY B 22 1.87 -1.40 -20.76
CA GLY B 22 1.21 -0.27 -21.34
C GLY B 22 -0.24 -0.51 -21.62
N SER B 23 -0.97 -1.04 -20.67
CA SER B 23 -2.30 -1.55 -20.89
C SER B 23 -3.12 -1.37 -19.59
N PRO B 24 -4.45 -1.47 -19.72
CA PRO B 24 -5.28 -1.74 -18.56
C PRO B 24 -4.84 -3.04 -17.91
N ALA B 25 -4.96 -3.21 -16.60
CA ALA B 25 -4.71 -4.46 -15.95
C ALA B 25 -6.02 -5.22 -15.86
N ILE B 26 -6.17 -6.24 -16.71
CA ILE B 26 -7.40 -6.92 -16.92
C ILE B 26 -7.50 -8.16 -16.07
N ASN B 27 -8.68 -8.47 -15.56
CA ASN B 27 -8.91 -9.69 -14.75
C ASN B 27 -8.14 -9.77 -13.49
N VAL B 28 -7.93 -8.61 -12.85
CA VAL B 28 -7.29 -8.52 -11.56
C VAL B 28 -8.29 -8.59 -10.45
N ALA B 29 -8.10 -9.48 -9.48
CA ALA B 29 -8.98 -9.62 -8.35
C ALA B 29 -8.76 -8.48 -7.36
N VAL B 30 -9.89 -7.97 -6.88
CA VAL B 30 -9.93 -6.81 -5.93
C VAL B 30 -10.89 -7.17 -4.82
N HIS B 31 -10.41 -7.08 -3.56
CA HIS B 31 -11.27 -7.27 -2.40
C HIS B 31 -11.28 -6.01 -1.54
N VAL B 32 -12.46 -5.63 -1.07
CA VAL B 32 -12.59 -4.47 -0.19
C VAL B 32 -13.05 -4.96 1.15
N PHE B 33 -12.45 -4.39 2.18
CA PHE B 33 -12.80 -4.72 3.56
C PHE B 33 -13.07 -3.38 4.31
N ARG B 34 -13.88 -3.48 5.34
CA ARG B 34 -14.16 -2.36 6.24
C ARG B 34 -13.66 -2.76 7.60
N LYS B 35 -13.19 -1.79 8.33
CA LYS B 35 -12.57 -2.05 9.62
C LYS B 35 -13.68 -2.18 10.63
N ALA B 36 -13.65 -3.32 11.37
CA ALA B 36 -14.67 -3.61 12.36
C ALA B 36 -14.31 -3.06 13.74
N ALA B 37 -15.29 -3.01 14.61
CA ALA B 37 -15.11 -2.51 15.96
C ALA B 37 -13.98 -3.18 16.72
N ASP B 38 -13.72 -4.46 16.51
CA ASP B 38 -12.56 -5.07 17.12
C ASP B 38 -11.24 -4.88 16.36
N ASP B 39 -11.20 -3.96 15.42
CA ASP B 39 -9.97 -3.73 14.66
C ASP B 39 -9.61 -4.80 13.65
N THR B 40 -10.52 -5.72 13.38
CA THR B 40 -10.30 -6.66 12.29
C THR B 40 -10.95 -6.16 11.03
N TRP B 41 -10.65 -6.82 9.94
CA TRP B 41 -11.12 -6.43 8.59
C TRP B 41 -12.27 -7.33 8.15
N GLU B 42 -13.47 -6.79 7.92
CA GLU B 42 -14.63 -7.54 7.53
C GLU B 42 -14.72 -7.39 6.03
N PRO B 43 -14.73 -8.52 5.29
CA PRO B 43 -15.04 -8.43 3.81
C PRO B 43 -16.32 -7.61 3.59
N PHE B 44 -16.29 -6.78 2.54
CA PHE B 44 -17.29 -5.72 2.24
C PHE B 44 -17.75 -5.76 0.77
N ALA B 45 -16.83 -6.07 -0.17
CA ALA B 45 -17.15 -6.15 -1.56
C ALA B 45 -15.92 -6.74 -2.30
N SER B 46 -16.12 -7.31 -3.48
CA SER B 46 -14.98 -7.77 -4.30
C SER B 46 -15.41 -7.98 -5.76
N GLY B 47 -14.44 -8.11 -6.63
CA GLY B 47 -14.72 -8.35 -8.03
C GLY B 47 -13.42 -8.51 -8.80
N LYS B 48 -13.54 -8.54 -10.12
CA LYS B 48 -12.36 -8.65 -11.04
C LYS B 48 -12.48 -7.49 -12.03
N THR B 49 -11.36 -6.82 -12.32
CA THR B 49 -11.36 -5.77 -13.30
C THR B 49 -11.76 -6.26 -14.67
N SER B 50 -12.39 -5.44 -15.44
CA SER B 50 -12.90 -5.66 -16.78
C SER B 50 -11.73 -5.46 -17.79
N GLU B 51 -12.10 -5.60 -19.08
CA GLU B 51 -11.17 -5.36 -20.17
C GLU B 51 -10.60 -3.95 -20.20
N SER B 52 -11.32 -3.01 -19.57
CA SER B 52 -10.82 -1.65 -19.46
C SER B 52 -9.98 -1.42 -18.22
N GLY B 53 -9.77 -2.45 -17.41
CA GLY B 53 -9.07 -2.33 -16.15
C GLY B 53 -9.89 -1.71 -15.03
N GLU B 54 -11.19 -1.61 -15.21
CA GLU B 54 -12.08 -0.97 -14.22
C GLU B 54 -12.97 -1.97 -13.56
N LEU B 55 -13.33 -1.70 -12.33
CA LEU B 55 -14.23 -2.47 -11.54
C LEU B 55 -15.28 -1.53 -10.97
N HIS B 56 -16.46 -1.62 -11.51
CA HIS B 56 -17.63 -0.92 -11.14
C HIS B 56 -18.66 -1.91 -10.41
N GLY B 57 -19.61 -1.34 -9.76
CA GLY B 57 -20.60 -2.13 -9.04
C GLY B 57 -20.20 -2.83 -7.77
N LEU B 58 -19.14 -2.36 -7.11
CA LEU B 58 -18.69 -2.96 -5.88
C LEU B 58 -19.69 -2.81 -4.81
N THR B 59 -20.28 -1.61 -4.68
CA THR B 59 -21.15 -1.35 -3.53
C THR B 59 -22.30 -0.44 -3.95
N THR B 60 -23.08 -0.01 -2.96
CA THR B 60 -24.22 0.91 -3.16
C THR B 60 -24.07 2.08 -2.23
N GLU B 61 -24.77 3.16 -2.55
CA GLU B 61 -24.73 4.30 -1.66
C GLU B 61 -25.16 3.97 -0.21
N GLU B 62 -26.15 3.06 -0.04
CA GLU B 62 -26.70 2.77 1.27
C GLU B 62 -25.68 1.99 2.05
N GLU B 63 -24.94 1.10 1.37
CA GLU B 63 -23.96 0.29 2.06
C GLU B 63 -22.69 1.02 2.45
N PHE B 64 -22.25 1.93 1.64
CA PHE B 64 -20.90 2.53 1.78
C PHE B 64 -21.01 3.71 2.78
N VAL B 65 -20.84 3.39 4.03
CA VAL B 65 -20.89 4.45 5.12
C VAL B 65 -19.53 4.89 5.45
N GLU B 66 -19.45 6.01 6.14
CA GLU B 66 -18.18 6.47 6.67
C GLU B 66 -17.47 5.36 7.44
N GLY B 67 -16.13 5.36 7.36
CA GLY B 67 -15.37 4.40 8.09
C GLY B 67 -13.99 4.20 7.41
N ILE B 68 -13.26 3.22 7.88
CA ILE B 68 -11.94 2.91 7.38
C ILE B 68 -12.07 1.67 6.47
N TYR B 69 -11.56 1.79 5.25
CA TYR B 69 -11.65 0.72 4.22
C TYR B 69 -10.27 0.41 3.76
N LYS B 70 -10.13 -0.89 3.39
CA LYS B 70 -8.93 -1.46 2.70
CA LYS B 70 -8.96 -1.49 2.73
C LYS B 70 -9.35 -2.08 1.34
N VAL B 71 -8.69 -1.59 0.29
CA VAL B 71 -8.84 -2.17 -1.05
C VAL B 71 -7.54 -2.99 -1.28
N GLU B 72 -7.71 -4.33 -1.37
CA GLU B 72 -6.58 -5.22 -1.63
C GLU B 72 -6.63 -5.69 -3.09
N ILE B 73 -5.59 -5.40 -3.84
CA ILE B 73 -5.49 -5.70 -5.25
C ILE B 73 -4.52 -6.88 -5.38
N ASP B 74 -4.97 -8.02 -5.97
CA ASP B 74 -4.08 -9.21 -6.05
C ASP B 74 -3.11 -9.11 -7.21
N THR B 75 -2.11 -8.32 -7.04
CA THR B 75 -1.08 -8.06 -8.02
C THR B 75 -0.21 -9.31 -8.27
N LYS B 76 0.02 -10.09 -7.25
CA LYS B 76 0.85 -11.28 -7.43
C LYS B 76 0.25 -12.25 -8.43
N SER B 77 -1.03 -12.55 -8.33
CA SER B 77 -1.68 -13.43 -9.31
C SER B 77 -1.71 -12.84 -10.68
N TYR B 78 -1.88 -11.52 -10.81
CA TYR B 78 -1.87 -10.83 -12.09
C TYR B 78 -0.53 -10.97 -12.80
N TRP B 79 0.57 -10.73 -12.14
CA TRP B 79 1.88 -10.84 -12.74
C TRP B 79 2.16 -12.27 -13.07
N LYS B 80 1.84 -13.21 -12.19
CA LYS B 80 2.07 -14.62 -12.50
C LYS B 80 1.29 -15.07 -13.69
N ALA B 81 0.09 -14.59 -13.94
CA ALA B 81 -0.68 -15.02 -15.11
C ALA B 81 -0.03 -14.48 -16.38
N LEU B 82 0.77 -13.43 -16.32
CA LEU B 82 1.48 -12.88 -17.43
C LEU B 82 2.89 -13.42 -17.59
N GLY B 83 3.35 -14.25 -16.69
CA GLY B 83 4.70 -14.80 -16.78
C GLY B 83 5.79 -13.82 -16.28
N ILE B 84 5.42 -12.87 -15.43
CA ILE B 84 6.40 -11.84 -14.99
C ILE B 84 6.60 -12.00 -13.51
N SER B 85 7.83 -11.92 -13.05
CA SER B 85 8.18 -12.17 -11.67
C SER B 85 7.83 -10.93 -10.75
N PRO B 86 6.94 -11.13 -9.77
CA PRO B 86 6.53 -9.98 -8.91
C PRO B 86 7.20 -9.97 -7.54
N PHE B 87 7.28 -8.78 -6.92
CA PHE B 87 7.82 -8.58 -5.59
C PHE B 87 6.76 -8.69 -4.50
N HIS B 88 5.66 -7.94 -4.65
CA HIS B 88 4.68 -7.77 -3.57
C HIS B 88 3.70 -8.92 -3.53
N GLU B 89 3.14 -9.21 -2.38
CA GLU B 89 2.08 -10.16 -2.25
C GLU B 89 0.80 -9.63 -2.87
N HIS B 90 0.56 -8.34 -2.70
CA HIS B 90 -0.61 -7.69 -3.12
C HIS B 90 -0.35 -6.26 -3.00
N ALA B 91 -1.29 -5.45 -3.41
CA ALA B 91 -1.29 -4.05 -3.03
C ALA B 91 -2.51 -3.74 -2.19
N GLU B 92 -2.33 -3.17 -0.99
CA GLU B 92 -3.38 -2.85 0.01
C GLU B 92 -3.48 -1.37 0.10
N VAL B 93 -4.66 -0.82 -0.16
CA VAL B 93 -4.85 0.59 -0.12
C VAL B 93 -5.88 0.96 1.00
N VAL B 94 -5.45 1.62 2.08
CA VAL B 94 -6.28 1.79 3.30
C VAL B 94 -6.57 3.27 3.49
N PHE B 95 -7.86 3.60 3.62
CA PHE B 95 -8.25 5.04 3.67
C PHE B 95 -9.47 5.24 4.50
N THR B 96 -9.71 6.48 4.90
CA THR B 96 -10.95 6.83 5.65
C THR B 96 -11.90 7.47 4.70
N ALA B 97 -13.13 6.98 4.68
CA ALA B 97 -14.19 7.67 3.92
C ALA B 97 -14.91 8.65 4.84
N ASN B 98 -14.95 9.91 4.51
CA ASN B 98 -15.65 10.91 5.32
C ASN B 98 -16.77 11.55 4.49
N ASP B 99 -17.93 11.70 5.13
CA ASP B 99 -19.09 12.27 4.51
C ASP B 99 -18.90 13.83 4.50
N SER B 100 -18.89 14.45 3.39
CA SER B 100 -18.72 15.93 3.45
C SER B 100 -19.86 16.69 2.81
N GLY B 101 -20.10 16.28 1.61
CA GLY B 101 -21.27 16.55 0.84
C GLY B 101 -21.27 15.32 -0.10
N PRO B 102 -21.94 15.42 -1.30
CA PRO B 102 -21.96 14.24 -2.18
C PRO B 102 -20.56 13.90 -2.70
N ARG B 103 -20.20 12.61 -2.64
CA ARG B 103 -18.85 12.14 -3.04
C ARG B 103 -18.91 10.81 -3.83
N ARG B 104 -18.03 10.67 -4.79
CA ARG B 104 -17.79 9.39 -5.43
C ARG B 104 -16.25 9.21 -5.23
N TYR B 105 -15.83 7.96 -4.97
CA TYR B 105 -14.46 7.63 -4.78
C TYR B 105 -13.99 6.70 -5.94
N THR B 106 -12.88 7.04 -6.53
CA THR B 106 -12.13 6.17 -7.45
C THR B 106 -10.77 5.92 -6.89
N ILE B 107 -10.44 4.66 -6.72
CA ILE B 107 -9.09 4.25 -6.33
C ILE B 107 -8.37 3.81 -7.56
N ALA B 108 -7.37 4.53 -7.96
CA ALA B 108 -6.58 4.24 -9.16
C ALA B 108 -5.23 3.74 -8.78
N ALA B 109 -4.76 2.71 -9.48
CA ALA B 109 -3.47 2.13 -9.20
C ALA B 109 -2.69 1.84 -10.48
N LEU B 110 -1.41 2.03 -10.40
CA LEU B 110 -0.48 1.80 -11.51
C LEU B 110 0.54 0.77 -11.01
N LEU B 111 0.61 -0.36 -11.74
CA LEU B 111 1.38 -1.52 -11.30
C LEU B 111 2.68 -1.75 -12.10
N SER B 112 3.73 -2.03 -11.40
CA SER B 112 4.97 -2.58 -11.95
C SER B 112 5.35 -3.74 -11.01
N PRO B 113 6.30 -4.59 -11.53
CA PRO B 113 6.65 -5.80 -10.77
C PRO B 113 7.22 -5.58 -9.39
N TYR B 114 8.03 -4.51 -9.23
CA TYR B 114 8.67 -4.19 -7.97
C TYR B 114 8.19 -2.83 -7.41
N SER B 115 7.09 -2.29 -7.92
CA SER B 115 6.61 -0.96 -7.47
C SER B 115 5.17 -0.89 -7.77
N TYR B 116 4.42 -0.18 -6.91
CA TYR B 116 3.11 0.29 -7.28
CA TYR B 116 3.09 0.27 -7.31
C TYR B 116 2.84 1.75 -6.73
N SER B 117 1.95 2.36 -7.46
CA SER B 117 1.35 3.65 -6.93
CA SER B 117 1.38 3.71 -7.08
C SER B 117 -0.14 3.69 -7.00
N THR B 118 -0.69 4.42 -6.04
CA THR B 118 -2.10 4.52 -5.94
C THR B 118 -2.50 5.98 -5.64
N THR B 119 -3.63 6.39 -6.20
CA THR B 119 -4.20 7.74 -5.95
C THR B 119 -5.66 7.61 -5.74
N ALA B 120 -6.25 8.59 -5.06
CA ALA B 120 -7.67 8.66 -4.89
C ALA B 120 -8.22 9.85 -5.64
N VAL B 121 -9.34 9.67 -6.32
CA VAL B 121 -10.03 10.71 -6.99
C VAL B 121 -11.40 10.80 -6.31
N VAL B 122 -11.64 11.92 -5.62
CA VAL B 122 -12.84 12.06 -4.85
C VAL B 122 -13.58 13.24 -5.48
N THR B 123 -14.74 12.96 -6.07
CA THR B 123 -15.49 14.02 -6.83
C THR B 123 -16.90 14.18 -6.32
N ASN B 124 -17.51 15.33 -6.61
CA ASN B 124 -18.90 15.63 -6.24
C ASN B 124 -19.74 15.41 -7.47
N PRO B 125 -20.57 14.37 -7.43
CA PRO B 125 -21.49 14.15 -8.55
C PRO B 125 -22.43 15.32 -8.80
CA CA C . 12.94 -20.71 0.73
C1 A1ISV D . 11.02 6.96 -5.06
C2 A1ISV D . 12.18 7.12 -4.19
C3 A1ISV D . 12.06 7.23 -2.81
C4 A1ISV D . 13.22 7.34 -2.00
C5 A1ISV D . 14.51 7.34 -2.55
C6 A1ISV D . 14.70 7.19 -3.91
C7 A1ISV D . 13.41 7.16 -4.59
C8 A1ISV D . 14.74 6.99 -6.72
C9 A1ISV D . 15.91 7.09 -5.96
C10 A1ISV D . 15.89 7.21 -4.57
C12 A1ISV D . 9.49 7.28 -6.87
C13 A1ISV D . 11.31 8.60 -7.24
N A1ISV D . 8.18 4.98 -4.65
C A1ISV D . 9.01 5.87 -5.18
N5 A1ISV D . 8.67 6.41 -6.31
N3 A1ISV D . 9.38 7.99 -7.96
N4 A1ISV D . 10.45 8.81 -8.28
C11 A1ISV D . 10.76 7.62 -6.35
N1 A1ISV D . 10.15 6.13 -4.54
N2 A1ISV D . 13.55 6.98 -6.08
C1 A1ISV E . -2.20 7.33 -13.02
C2 A1ISV E . -3.47 7.55 -13.61
C3 A1ISV E . -3.69 8.79 -14.21
C4 A1ISV E . -4.92 9.09 -14.85
C5 A1ISV E . -5.93 8.13 -14.94
C6 A1ISV E . -5.72 6.87 -14.43
C7 A1ISV E . -4.47 6.58 -13.67
C8 A1ISV E . -5.08 4.40 -13.17
C9 A1ISV E . -6.32 4.60 -13.80
C10 A1ISV E . -6.64 5.82 -14.41
C12 A1ISV E . -0.59 6.72 -11.34
C13 A1ISV E . -2.70 6.17 -10.61
N A1ISV E . 1.07 8.06 -14.05
C A1ISV E . 0.06 7.69 -13.31
N5 A1ISV E . 0.38 7.20 -12.15
N3 A1ISV E . -0.59 6.19 -10.13
N4 A1ISV E . -1.83 5.85 -9.60
C11 A1ISV E . -1.97 6.74 -11.71
N1 A1ISV E . -1.21 7.78 -13.80
N2 A1ISV E . -4.17 5.40 -13.10
CA CA F . -18.51 13.37 7.43
#